data_9KSM
#
_entry.id   9KSM
#
_cell.length_a   80.070
_cell.length_b   119.312
_cell.length_c   47.677
_cell.angle_alpha   90.00
_cell.angle_beta   90.00
_cell.angle_gamma   90.00
#
_symmetry.space_group_name_H-M   'P 21 21 2'
#
loop_
_entity.id
_entity.type
_entity.pdbx_description
1 polymer 'UDP-glycosyltransferase 79B30-like'
2 non-polymer "URIDINE-5'-DIPHOSPHATE"
3 water water
#
_entity_poly.entity_id   1
_entity_poly.type   'polypeptide(L)'
_entity_poly.pdbx_seq_one_letter_code
;MDSPSSLHIAMFPWFAMGHLIPYLHLSNKLAKRGHKISFFTPKKTQTKLEQFNLYPNLITFYPLNVPHVDGLPFGAETTS
DVAISLGPILMTAMDQTQNQIELLLTQLKPQIIFFDFVFWLPKITQRLGIKSFLYFIINPATISYTTSPPRMFEAENLTE
VDLMKPPKGYPTSFNLQSHEAKHLASTRKIEFGSGIPFSVRSYNCLSLTDAIGFKGCREIEGPYVDYLQEQFGKPVLLSG
PVLPEQSKTALDEKWGSWLGGFKDGSLVYCALGSELKLKQDQFHELLLGLELTGFPFLAILKPPVGFETIEDALPEGFKE
RVKEKGIVHSGWIQQQLILEHPSVGCFVTHCGAGSITEGLVNNCQMVLLPQLNGDYIINARIMGRHLKVGVEVKKGEEDG
LFTKESVYEAVKIVMDDENEIGREVRSNHTKVRNLLLRHDLESSCLDTFCEKLQELVS
;
_entity_poly.pdbx_strand_id   A
#
# COMPACT_ATOMS: atom_id res chain seq x y z
N SER A 5 -11.69 -6.96 28.87
CA SER A 5 -12.98 -6.90 28.20
C SER A 5 -12.82 -6.54 26.72
N SER A 6 -13.62 -7.20 25.87
CA SER A 6 -13.48 -7.02 24.43
C SER A 6 -14.00 -5.65 23.99
N LEU A 7 -13.38 -5.12 22.92
CA LEU A 7 -13.70 -3.81 22.40
C LEU A 7 -14.62 -3.94 21.19
N HIS A 8 -15.42 -2.91 20.95
CA HIS A 8 -16.17 -2.80 19.71
C HIS A 8 -15.50 -1.72 18.87
N ILE A 9 -14.94 -2.13 17.73
CA ILE A 9 -14.19 -1.24 16.84
C ILE A 9 -14.91 -1.15 15.50
N ALA A 10 -15.10 0.06 15.01
CA ALA A 10 -15.56 0.27 13.66
C ALA A 10 -14.37 0.56 12.75
N MET A 11 -14.45 0.13 11.50
CA MET A 11 -13.36 0.28 10.54
C MET A 11 -13.90 1.08 9.36
N PHE A 12 -13.23 2.19 9.02
CA PHE A 12 -13.64 3.07 7.92
C PHE A 12 -12.45 3.43 7.03
N PRO A 13 -11.96 2.49 6.21
CA PRO A 13 -10.82 2.80 5.35
C PRO A 13 -11.21 3.56 4.09
N TRP A 14 -10.19 4.21 3.52
CA TRP A 14 -10.32 4.81 2.19
C TRP A 14 -10.74 3.75 1.17
N PHE A 15 -11.47 4.20 0.14
CA PHE A 15 -12.11 3.32 -0.84
C PHE A 15 -11.08 2.84 -1.87
N ALA A 16 -10.17 1.97 -1.42
CA ALA A 16 -9.11 1.47 -2.28
C ALA A 16 -8.75 0.09 -1.78
N MET A 17 -8.49 -0.85 -2.70
CA MET A 17 -8.14 -2.19 -2.25
C MET A 17 -6.89 -2.20 -1.37
N GLY A 18 -5.95 -1.27 -1.60
CA GLY A 18 -4.73 -1.20 -0.79
C GLY A 18 -4.95 -0.75 0.64
N HIS A 19 -6.11 -0.17 0.95
CA HIS A 19 -6.50 0.13 2.32
C HIS A 19 -7.50 -0.88 2.87
N LEU A 20 -8.50 -1.29 2.06
CA LEU A 20 -9.49 -2.28 2.48
C LEU A 20 -8.82 -3.59 2.90
N ILE A 21 -7.88 -4.09 2.10
CA ILE A 21 -7.27 -5.38 2.38
C ILE A 21 -6.51 -5.40 3.71
N PRO A 22 -5.56 -4.48 3.97
CA PRO A 22 -4.86 -4.55 5.27
C PRO A 22 -5.77 -4.23 6.45
N TYR A 23 -6.77 -3.35 6.29
CA TYR A 23 -7.72 -3.15 7.37
C TYR A 23 -8.45 -4.45 7.70
N LEU A 24 -8.76 -5.24 6.67
CA LEU A 24 -9.45 -6.52 6.89
C LEU A 24 -8.50 -7.55 7.51
N HIS A 25 -7.25 -7.62 7.03
CA HIS A 25 -6.27 -8.47 7.69
C HIS A 25 -6.22 -8.17 9.18
N LEU A 26 -6.15 -6.89 9.54
CA LEU A 26 -6.07 -6.52 10.95
C LEU A 26 -7.37 -6.84 11.68
N SER A 27 -8.51 -6.60 11.02
CA SER A 27 -9.80 -6.97 11.59
C SER A 27 -9.84 -8.44 12.00
N ASN A 28 -9.34 -9.33 11.11
CA ASN A 28 -9.30 -10.75 11.45
C ASN A 28 -8.43 -11.02 12.67
N LYS A 29 -7.32 -10.30 12.81
CA LYS A 29 -6.45 -10.52 13.97
C LYS A 29 -7.09 -10.02 15.25
N LEU A 30 -7.83 -8.92 15.19
CA LEU A 30 -8.52 -8.44 16.37
C LEU A 30 -9.68 -9.36 16.74
N ALA A 31 -10.43 -9.84 15.74
CA ALA A 31 -11.54 -10.73 16.03
C ALA A 31 -11.06 -12.04 16.63
N LYS A 32 -9.85 -12.49 16.24
CA LYS A 32 -9.32 -13.70 16.82
C LYS A 32 -9.07 -13.52 18.31
N ARG A 33 -8.81 -12.29 18.76
CA ARG A 33 -8.67 -11.96 20.17
C ARG A 33 -10.00 -11.64 20.85
N GLY A 34 -11.12 -11.79 20.14
CA GLY A 34 -12.43 -11.60 20.73
C GLY A 34 -13.07 -10.24 20.52
N HIS A 35 -12.44 -9.34 19.78
CA HIS A 35 -13.01 -8.02 19.59
C HIS A 35 -14.06 -8.04 18.48
N LYS A 36 -15.07 -7.18 18.62
CA LYS A 36 -16.15 -7.07 17.65
C LYS A 36 -15.83 -5.97 16.64
N ILE A 37 -15.95 -6.29 15.35
CA ILE A 37 -15.59 -5.37 14.28
C ILE A 37 -16.82 -5.02 13.46
N SER A 38 -17.11 -3.72 13.35
CA SER A 38 -18.08 -3.18 12.40
C SER A 38 -17.32 -2.55 11.23
N PHE A 39 -17.36 -3.20 10.07
CA PHE A 39 -16.50 -2.83 8.95
C PHE A 39 -17.35 -2.11 7.89
N PHE A 40 -17.10 -0.80 7.73
CA PHE A 40 -17.85 0.01 6.76
C PHE A 40 -17.19 -0.09 5.40
N THR A 41 -17.95 -0.54 4.38
CA THR A 41 -17.39 -0.79 3.06
C THR A 41 -18.38 -0.28 2.02
N PRO A 42 -17.91 0.19 0.85
CA PRO A 42 -18.86 0.47 -0.24
C PRO A 42 -19.68 -0.76 -0.59
N LYS A 43 -20.93 -0.52 -1.00
CA LYS A 43 -21.93 -1.58 -1.03
C LYS A 43 -21.54 -2.71 -1.99
N LYS A 44 -21.28 -2.37 -3.26
CA LYS A 44 -20.97 -3.41 -4.24
C LYS A 44 -19.64 -4.09 -3.96
N THR A 45 -18.70 -3.36 -3.38
CA THR A 45 -17.39 -3.90 -3.05
C THR A 45 -17.46 -5.00 -1.99
N GLN A 46 -18.50 -5.02 -1.15
CA GLN A 46 -18.56 -5.99 -0.07
C GLN A 46 -18.44 -7.44 -0.59
N THR A 47 -18.99 -7.72 -1.77
CA THR A 47 -19.00 -9.10 -2.27
C THR A 47 -17.59 -9.63 -2.49
N LYS A 48 -16.66 -8.77 -2.90
CA LYS A 48 -15.27 -9.15 -3.11
C LYS A 48 -14.48 -9.26 -1.81
N LEU A 49 -15.02 -8.75 -0.70
CA LEU A 49 -14.33 -8.80 0.58
C LEU A 49 -14.74 -9.97 1.45
N GLU A 50 -15.87 -10.64 1.12
CA GLU A 50 -16.34 -11.73 1.96
C GLU A 50 -15.29 -12.84 2.09
N GLN A 51 -14.54 -13.10 1.02
CA GLN A 51 -13.54 -14.17 1.03
C GLN A 51 -12.50 -13.99 2.13
N PHE A 52 -12.34 -12.78 2.63
CA PHE A 52 -11.30 -12.48 3.63
C PHE A 52 -11.84 -12.45 5.04
N ASN A 53 -13.16 -12.56 5.21
CA ASN A 53 -13.75 -12.51 6.55
C ASN A 53 -13.68 -13.90 7.16
N LEU A 54 -12.72 -14.09 8.05
CA LEU A 54 -12.50 -15.38 8.69
C LEU A 54 -13.28 -15.53 9.99
N TYR A 55 -14.00 -14.49 10.43
CA TYR A 55 -14.75 -14.48 11.69
C TYR A 55 -16.10 -13.80 11.50
N PRO A 56 -16.98 -14.40 10.68
CA PRO A 56 -18.25 -13.73 10.35
C PRO A 56 -19.14 -13.43 11.57
N ASN A 57 -18.97 -14.15 12.69
CA ASN A 57 -19.77 -13.85 13.88
C ASN A 57 -19.27 -12.64 14.65
N LEU A 58 -18.07 -12.17 14.37
CA LEU A 58 -17.51 -10.99 15.03
C LEU A 58 -17.28 -9.83 14.08
N ILE A 59 -17.04 -10.12 12.81
CA ILE A 59 -16.83 -9.07 11.82
C ILE A 59 -18.09 -8.99 10.97
N THR A 60 -18.77 -7.85 11.05
CA THR A 60 -19.97 -7.59 10.25
C THR A 60 -19.67 -6.45 9.28
N PHE A 61 -19.97 -6.66 8.00
CA PHE A 61 -19.90 -5.60 7.01
C PHE A 61 -21.16 -4.73 7.06
N TYR A 62 -20.96 -3.42 6.94
CA TYR A 62 -22.06 -2.45 6.80
C TYR A 62 -21.88 -1.66 5.51
N PRO A 63 -22.81 -1.74 4.56
CA PRO A 63 -22.59 -1.10 3.25
C PRO A 63 -22.77 0.40 3.27
N LEU A 64 -21.94 1.08 2.48
CA LEU A 64 -22.09 2.51 2.22
C LEU A 64 -22.48 2.68 0.75
N ASN A 65 -23.45 3.58 0.51
CA ASN A 65 -23.76 4.00 -0.85
C ASN A 65 -22.82 5.14 -1.21
N VAL A 66 -21.95 4.91 -2.19
CA VAL A 66 -20.99 5.95 -2.57
C VAL A 66 -21.71 6.99 -3.43
N PRO A 67 -21.89 8.20 -2.93
CA PRO A 67 -22.78 9.16 -3.59
C PRO A 67 -22.17 9.77 -4.86
N HIS A 68 -23.07 10.19 -5.76
CA HIS A 68 -22.65 10.87 -6.96
C HIS A 68 -21.91 12.17 -6.68
N VAL A 69 -20.83 12.38 -7.40
CA VAL A 69 -20.14 13.66 -7.48
C VAL A 69 -19.93 13.95 -8.96
N ASP A 70 -20.09 15.21 -9.35
CA ASP A 70 -19.91 15.54 -10.75
C ASP A 70 -18.51 15.14 -11.19
N GLY A 71 -18.45 14.30 -12.22
CA GLY A 71 -17.20 13.79 -12.74
C GLY A 71 -16.92 12.37 -12.34
N LEU A 72 -17.62 11.85 -11.34
CA LEU A 72 -17.38 10.48 -10.88
C LEU A 72 -18.04 9.50 -11.83
N PRO A 73 -17.30 8.52 -12.35
CA PRO A 73 -17.92 7.50 -13.21
C PRO A 73 -19.07 6.82 -12.49
N PHE A 74 -20.10 6.48 -13.25
CA PHE A 74 -21.32 5.98 -12.64
C PHE A 74 -21.12 4.65 -11.92
N GLY A 75 -21.54 4.62 -10.66
CA GLY A 75 -21.43 3.42 -9.86
C GLY A 75 -20.05 3.17 -9.31
N ALA A 76 -19.11 4.09 -9.50
CA ALA A 76 -17.76 3.91 -8.98
C ALA A 76 -17.78 3.87 -7.47
N GLU A 77 -17.02 2.93 -6.90
CA GLU A 77 -16.88 2.84 -5.45
C GLU A 77 -15.44 2.89 -4.95
N THR A 78 -14.46 2.43 -5.73
CA THR A 78 -13.09 2.38 -5.24
C THR A 78 -12.11 2.89 -6.30
N THR A 79 -10.86 3.09 -5.89
CA THR A 79 -9.84 3.53 -6.85
C THR A 79 -9.60 2.51 -7.96
N SER A 80 -10.06 1.27 -7.81
CA SER A 80 -9.98 0.31 -8.92
C SER A 80 -11.03 0.58 -10.00
N ASP A 81 -11.98 1.48 -9.75
CA ASP A 81 -13.04 1.78 -10.70
C ASP A 81 -12.83 3.08 -11.45
N VAL A 82 -11.81 3.86 -11.11
CA VAL A 82 -11.61 5.18 -11.69
C VAL A 82 -10.13 5.36 -12.00
N ALA A 83 -9.86 6.19 -13.01
CA ALA A 83 -8.49 6.58 -13.32
C ALA A 83 -7.89 7.29 -12.12
N ILE A 84 -6.55 7.25 -12.03
CA ILE A 84 -5.88 7.81 -10.86
C ILE A 84 -6.13 9.32 -10.75
N SER A 85 -6.25 10.02 -11.88
CA SER A 85 -6.52 11.46 -11.80
C SER A 85 -7.92 11.76 -11.24
N LEU A 86 -8.78 10.77 -11.12
CA LEU A 86 -10.13 10.96 -10.61
C LEU A 86 -10.23 10.66 -9.11
N GLY A 87 -9.12 10.27 -8.47
CA GLY A 87 -9.12 10.07 -7.04
C GLY A 87 -9.68 11.20 -6.21
N PRO A 88 -9.33 12.46 -6.50
CA PRO A 88 -9.90 13.56 -5.70
C PRO A 88 -11.43 13.62 -5.74
N ILE A 89 -12.06 13.24 -6.86
CA ILE A 89 -13.51 13.21 -6.91
C ILE A 89 -14.05 12.07 -6.05
N LEU A 90 -13.35 10.92 -6.06
CA LEU A 90 -13.78 9.85 -5.19
C LEU A 90 -13.66 10.26 -3.72
N MET A 91 -12.68 11.09 -3.37
CA MET A 91 -12.60 11.52 -1.98
C MET A 91 -13.69 12.54 -1.64
N THR A 92 -14.10 13.39 -2.60
CA THR A 92 -15.34 14.15 -2.38
C THR A 92 -16.51 13.23 -2.04
N ALA A 93 -16.67 12.12 -2.78
CA ALA A 93 -17.73 11.16 -2.49
C ALA A 93 -17.60 10.56 -1.09
N MET A 94 -16.37 10.28 -0.64
CA MET A 94 -16.20 9.77 0.71
C MET A 94 -16.60 10.81 1.73
N ASP A 95 -16.20 12.06 1.50
CA ASP A 95 -16.63 13.15 2.36
C ASP A 95 -18.14 13.17 2.47
N GLN A 96 -18.83 12.90 1.36
CA GLN A 96 -20.27 12.99 1.31
C GLN A 96 -20.99 11.81 1.96
N THR A 97 -20.27 10.79 2.47
CA THR A 97 -20.91 9.72 3.24
C THR A 97 -21.18 10.12 4.68
N GLN A 98 -20.92 11.38 5.05
CA GLN A 98 -20.95 11.76 6.47
C GLN A 98 -22.31 11.44 7.10
N ASN A 99 -23.41 11.66 6.37
CA ASN A 99 -24.74 11.44 6.93
C ASN A 99 -24.97 9.98 7.28
N GLN A 100 -24.65 9.07 6.37
CA GLN A 100 -24.84 7.66 6.69
C GLN A 100 -23.77 7.13 7.64
N ILE A 101 -22.60 7.78 7.73
CA ILE A 101 -21.65 7.40 8.78
C ILE A 101 -22.19 7.81 10.14
N GLU A 102 -22.65 9.06 10.27
CA GLU A 102 -23.20 9.51 11.55
C GLU A 102 -24.35 8.61 11.98
N LEU A 103 -25.18 8.19 11.03
CA LEU A 103 -26.26 7.26 11.34
C LEU A 103 -25.72 5.95 11.88
N LEU A 104 -24.67 5.43 11.26
CA LEU A 104 -24.14 4.13 11.65
C LEU A 104 -23.49 4.19 13.03
N LEU A 105 -22.81 5.29 13.33
CA LEU A 105 -22.17 5.42 14.63
C LEU A 105 -23.20 5.53 15.75
N THR A 106 -24.29 6.27 15.53
CA THR A 106 -25.28 6.38 16.61
C THR A 106 -26.04 5.07 16.81
N GLN A 107 -26.23 4.27 15.77
CA GLN A 107 -26.90 3.00 16.01
C GLN A 107 -25.94 1.94 16.57
N LEU A 108 -24.69 1.89 16.09
CA LEU A 108 -23.79 0.81 16.44
C LEU A 108 -23.01 1.09 17.71
N LYS A 109 -22.79 2.37 18.03
CA LYS A 109 -22.03 2.84 19.19
C LYS A 109 -20.75 2.04 19.44
N PRO A 110 -19.80 2.06 18.52
CA PRO A 110 -18.50 1.44 18.80
C PRO A 110 -17.74 2.28 19.81
N GLN A 111 -16.76 1.67 20.47
CA GLN A 111 -15.89 2.43 21.35
C GLN A 111 -14.83 3.22 20.60
N ILE A 112 -14.37 2.70 19.46
CA ILE A 112 -13.30 3.31 18.67
C ILE A 112 -13.70 3.17 17.20
N ILE A 113 -13.24 4.12 16.37
CA ILE A 113 -13.36 3.95 14.92
C ILE A 113 -11.99 4.23 14.29
N PHE A 114 -11.50 3.27 13.50
CA PHE A 114 -10.26 3.42 12.71
C PHE A 114 -10.64 4.08 11.40
N PHE A 115 -9.88 5.07 10.96
CA PHE A 115 -10.30 5.77 9.74
C PHE A 115 -9.09 6.33 9.01
N ASP A 116 -9.32 6.66 7.73
CA ASP A 116 -8.44 7.39 6.83
C ASP A 116 -9.12 8.70 6.42
N PHE A 117 -8.34 9.77 6.27
CA PHE A 117 -8.70 10.91 5.40
C PHE A 117 -9.86 11.80 5.85
N VAL A 118 -10.89 11.26 6.50
CA VAL A 118 -12.12 12.03 6.75
C VAL A 118 -11.92 12.82 8.04
N PHE A 119 -11.35 14.03 7.89
CA PHE A 119 -11.01 14.83 9.06
C PHE A 119 -12.22 15.42 9.76
N TRP A 120 -13.40 15.34 9.16
CA TRP A 120 -14.63 15.74 9.83
C TRP A 120 -15.11 14.71 10.84
N LEU A 121 -14.57 13.48 10.79
CA LEU A 121 -15.06 12.44 11.70
C LEU A 121 -14.77 12.73 13.17
N PRO A 122 -13.56 13.12 13.58
CA PRO A 122 -13.33 13.27 15.02
C PRO A 122 -14.30 14.24 15.71
N LYS A 123 -14.87 15.18 14.97
CA LYS A 123 -15.86 16.07 15.57
C LYS A 123 -17.15 15.31 15.87
N ILE A 124 -17.59 14.46 14.94
CA ILE A 124 -18.77 13.62 15.19
C ILE A 124 -18.52 12.68 16.36
N THR A 125 -17.36 12.00 16.37
CA THR A 125 -17.15 10.94 17.34
C THR A 125 -17.07 11.50 18.76
N GLN A 126 -16.40 12.64 18.95
CA GLN A 126 -16.31 13.14 20.31
C GLN A 126 -17.65 13.67 20.81
N ARG A 127 -18.55 14.06 19.90
CA ARG A 127 -19.93 14.33 20.30
C ARG A 127 -20.65 13.06 20.74
N LEU A 128 -20.27 11.90 20.18
CA LEU A 128 -20.90 10.64 20.53
C LEU A 128 -20.15 9.87 21.62
N GLY A 129 -19.04 10.42 22.12
CA GLY A 129 -18.23 9.70 23.09
C GLY A 129 -17.51 8.51 22.51
N ILE A 130 -17.09 8.59 21.24
CA ILE A 130 -16.31 7.55 20.56
C ILE A 130 -14.90 8.08 20.36
N LYS A 131 -13.90 7.21 20.49
CA LYS A 131 -12.52 7.62 20.23
C LYS A 131 -12.22 7.50 18.74
N SER A 132 -11.55 8.52 18.19
CA SER A 132 -11.16 8.50 16.79
C SER A 132 -9.71 8.04 16.68
N PHE A 133 -9.45 7.11 15.76
CA PHE A 133 -8.14 6.49 15.64
C PHE A 133 -7.75 6.58 14.16
N LEU A 134 -6.78 7.44 13.86
CA LEU A 134 -6.32 7.63 12.50
C LEU A 134 -5.33 6.50 12.19
N TYR A 135 -5.75 5.51 11.42
CA TYR A 135 -4.93 4.30 11.24
C TYR A 135 -4.36 4.26 9.81
N PHE A 136 -3.04 4.38 9.69
CA PHE A 136 -2.34 4.38 8.42
C PHE A 136 -1.84 2.99 8.07
N ILE A 137 -2.06 2.57 6.83
CA ILE A 137 -1.41 1.35 6.34
C ILE A 137 -0.23 1.68 5.43
N ILE A 138 0.17 2.95 5.35
CA ILE A 138 1.42 3.29 4.68
C ILE A 138 2.53 3.48 5.72
N ASN A 139 3.73 3.73 5.24
CA ASN A 139 4.90 3.79 6.12
C ASN A 139 4.88 5.08 6.93
N PRO A 140 5.05 5.01 8.26
CA PRO A 140 5.23 6.25 9.03
C PRO A 140 6.44 7.06 8.57
N ALA A 141 7.41 6.44 7.91
CA ALA A 141 8.51 7.21 7.32
C ALA A 141 8.00 8.18 6.26
N THR A 142 6.91 7.81 5.58
CA THR A 142 6.35 8.69 4.55
C THR A 142 5.62 9.86 5.19
N ILE A 143 4.75 9.58 6.16
CA ILE A 143 4.06 10.66 6.86
C ILE A 143 5.07 11.57 7.55
N SER A 144 6.11 10.98 8.16
CA SER A 144 7.18 11.75 8.81
C SER A 144 7.90 12.69 7.85
N TYR A 145 7.99 12.32 6.58
CA TYR A 145 8.74 13.10 5.60
C TYR A 145 7.91 14.26 5.03
N THR A 146 6.61 14.03 4.78
CA THR A 146 5.78 14.92 3.97
C THR A 146 4.79 15.75 4.77
N THR A 147 4.41 15.32 5.97
CA THR A 147 3.26 15.89 6.68
C THR A 147 3.56 16.17 8.16
N SER A 148 4.81 16.07 8.57
CA SER A 148 5.18 16.48 9.90
C SER A 148 5.04 18.00 10.01
N PRO A 149 4.85 18.53 11.22
CA PRO A 149 4.59 19.98 11.39
C PRO A 149 5.64 20.84 10.69
N PRO A 150 6.94 20.52 10.78
CA PRO A 150 7.93 21.35 10.05
C PRO A 150 7.61 21.56 8.57
N ARG A 151 6.99 20.60 7.91
CA ARG A 151 6.64 20.81 6.51
C ARG A 151 5.42 21.71 6.36
N MET A 152 4.50 21.67 7.31
CA MET A 152 3.22 22.33 7.12
C MET A 152 3.20 23.79 7.50
N PHE A 153 4.11 24.24 8.37
CA PHE A 153 4.18 25.66 8.65
C PHE A 153 4.87 26.43 7.53
N GLU A 154 5.53 25.73 6.61
CA GLU A 154 6.05 26.38 5.42
C GLU A 154 4.96 26.69 4.40
N ALA A 155 3.82 26.00 4.50
CA ALA A 155 2.61 26.29 3.70
C ALA A 155 2.97 26.18 2.22
N GLU A 156 2.79 27.24 1.42
CA GLU A 156 3.12 27.22 0.01
C GLU A 156 4.53 27.68 -0.32
N ASN A 157 5.33 27.99 0.69
CA ASN A 157 6.76 28.24 0.49
C ASN A 157 7.58 26.96 0.48
N LEU A 158 6.93 25.79 0.43
CA LEU A 158 7.63 24.52 0.41
C LEU A 158 7.96 24.19 -1.04
N THR A 159 9.26 24.14 -1.34
CA THR A 159 9.77 23.99 -2.70
C THR A 159 10.34 22.59 -2.92
N GLU A 160 10.60 22.27 -4.18
CA GLU A 160 11.18 20.98 -4.52
C GLU A 160 12.56 20.81 -3.88
N VAL A 161 13.36 21.88 -3.80
CA VAL A 161 14.65 21.69 -3.13
C VAL A 161 14.44 21.47 -1.64
N ASP A 162 13.36 22.03 -1.08
CA ASP A 162 13.01 21.74 0.32
C ASP A 162 12.75 20.24 0.51
N LEU A 163 12.03 19.63 -0.43
CA LEU A 163 11.66 18.24 -0.27
C LEU A 163 12.78 17.27 -0.64
N MET A 164 13.93 17.77 -1.08
CA MET A 164 15.07 16.91 -1.33
C MET A 164 15.67 16.36 -0.04
N LYS A 165 15.66 17.15 1.03
CA LYS A 165 16.19 16.80 2.35
C LYS A 165 15.06 16.46 3.32
N PRO A 166 15.32 15.74 4.41
CA PRO A 166 14.23 15.40 5.33
C PRO A 166 13.93 16.57 6.26
N PRO A 167 12.74 16.59 6.86
CA PRO A 167 12.39 17.70 7.76
C PRO A 167 13.28 17.67 9.00
N LYS A 168 13.28 18.78 9.73
CA LYS A 168 14.04 18.89 10.96
C LYS A 168 13.60 17.81 11.94
N GLY A 169 14.57 17.04 12.43
CA GLY A 169 14.31 16.00 13.40
C GLY A 169 14.26 14.59 12.84
N TYR A 170 14.07 14.46 11.52
CA TYR A 170 13.82 13.16 10.90
C TYR A 170 14.92 12.16 11.26
N PRO A 171 14.55 10.90 11.57
CA PRO A 171 15.50 9.97 12.20
C PRO A 171 16.45 9.24 11.27
N THR A 172 16.24 9.22 9.96
CA THR A 172 17.14 8.50 9.07
C THR A 172 17.49 9.39 7.89
N SER A 173 18.47 8.98 7.08
CA SER A 173 18.90 9.76 5.95
C SER A 173 18.75 8.95 4.67
N PHE A 174 18.12 9.55 3.67
CA PHE A 174 18.12 9.01 2.32
C PHE A 174 17.91 10.17 1.36
N ASN A 175 18.09 9.89 0.08
CA ASN A 175 18.09 10.90 -0.97
C ASN A 175 16.90 10.68 -1.89
N LEU A 176 16.23 11.76 -2.25
CA LEU A 176 15.26 11.71 -3.33
C LEU A 176 15.90 12.26 -4.59
N GLN A 177 15.45 11.75 -5.73
CA GLN A 177 15.81 12.34 -7.02
C GLN A 177 15.01 13.61 -7.26
N SER A 178 15.53 14.46 -8.17
CA SER A 178 14.87 15.74 -8.44
C SER A 178 13.40 15.56 -8.82
N HIS A 179 13.12 14.60 -9.71
CA HIS A 179 11.75 14.45 -10.19
C HIS A 179 10.82 13.91 -9.10
N GLU A 180 11.36 13.20 -8.11
CA GLU A 180 10.55 12.73 -7.00
C GLU A 180 10.21 13.87 -6.06
N ALA A 181 11.21 14.70 -5.71
CA ALA A 181 10.94 15.87 -4.86
C ALA A 181 9.98 16.83 -5.55
N LYS A 182 10.09 16.97 -6.88
CA LYS A 182 9.16 17.79 -7.64
C LYS A 182 7.74 17.25 -7.55
N HIS A 183 7.59 15.93 -7.65
CA HIS A 183 6.27 15.32 -7.49
C HIS A 183 5.69 15.61 -6.12
N LEU A 184 6.49 15.41 -5.06
CA LEU A 184 6.00 15.65 -3.71
C LEU A 184 5.59 17.12 -3.51
N ALA A 185 6.33 18.05 -4.09
CA ALA A 185 6.02 19.47 -3.88
C ALA A 185 4.72 19.86 -4.58
N SER A 186 4.45 19.29 -5.75
CA SER A 186 3.24 19.69 -6.48
C SER A 186 1.99 18.97 -5.97
N THR A 187 2.03 17.63 -5.87
CA THR A 187 0.83 16.88 -5.47
C THR A 187 0.32 17.32 -4.10
N ARG A 188 1.24 17.75 -3.25
CA ARG A 188 0.91 18.24 -1.92
C ARG A 188 -0.08 19.40 -1.94
N LYS A 189 -0.04 20.24 -2.96
CA LYS A 189 -0.94 21.37 -3.07
C LYS A 189 -2.21 21.04 -3.84
N ILE A 190 -2.29 19.89 -4.50
CA ILE A 190 -3.44 19.57 -5.33
C ILE A 190 -4.65 19.28 -4.45
N GLU A 191 -5.82 19.74 -4.88
CA GLU A 191 -7.05 19.49 -4.14
C GLU A 191 -7.39 18.00 -4.14
N PHE A 192 -7.66 17.44 -2.95
CA PHE A 192 -8.02 16.03 -2.81
C PHE A 192 -9.32 15.92 -2.01
N GLY A 193 -10.45 16.11 -2.70
CA GLY A 193 -11.75 16.02 -2.05
C GLY A 193 -12.23 17.34 -1.48
N SER A 194 -13.36 17.83 -2.01
CA SER A 194 -14.06 18.98 -1.43
C SER A 194 -13.16 20.21 -1.33
N GLY A 195 -12.26 20.39 -2.29
CA GLY A 195 -11.46 21.59 -2.37
C GLY A 195 -10.35 21.72 -1.35
N ILE A 196 -10.07 20.68 -0.60
CA ILE A 196 -9.02 20.70 0.42
C ILE A 196 -7.71 20.24 -0.22
N PRO A 197 -6.64 21.04 -0.16
CA PRO A 197 -5.32 20.55 -0.59
C PRO A 197 -4.93 19.29 0.18
N PHE A 198 -4.29 18.36 -0.55
CA PHE A 198 -4.00 17.03 -0.01
C PHE A 198 -3.26 17.11 1.32
N SER A 199 -2.19 17.90 1.39
CA SER A 199 -1.42 17.97 2.63
C SER A 199 -2.21 18.66 3.74
N VAL A 200 -3.13 19.57 3.40
CA VAL A 200 -3.96 20.19 4.42
C VAL A 200 -4.92 19.17 5.03
N ARG A 201 -5.58 18.38 4.18
CA ARG A 201 -6.46 17.31 4.64
C ARG A 201 -5.76 16.40 5.63
N SER A 202 -4.62 15.84 5.22
CA SER A 202 -3.97 14.85 6.07
C SER A 202 -3.43 15.50 7.34
N TYR A 203 -3.02 16.77 7.26
CA TYR A 203 -2.60 17.46 8.46
C TYR A 203 -3.76 17.79 9.39
N ASN A 204 -4.94 18.06 8.84
CA ASN A 204 -6.15 18.14 9.67
C ASN A 204 -6.40 16.82 10.40
N CYS A 205 -6.29 15.70 9.70
CA CYS A 205 -6.57 14.40 10.32
C CYS A 205 -5.62 14.15 11.49
N LEU A 206 -4.32 14.34 11.25
CA LEU A 206 -3.33 14.14 12.32
C LEU A 206 -3.58 15.06 13.49
N SER A 207 -4.02 16.28 13.22
CA SER A 207 -4.17 17.27 14.28
C SER A 207 -5.43 17.04 15.10
N LEU A 208 -6.51 16.58 14.49
CA LEU A 208 -7.83 16.51 15.15
C LEU A 208 -8.16 15.14 15.73
N THR A 209 -7.40 14.09 15.39
CA THR A 209 -7.72 12.77 15.88
C THR A 209 -7.34 12.61 17.35
N ASP A 210 -8.00 11.67 18.03
CA ASP A 210 -7.58 11.35 19.40
C ASP A 210 -6.25 10.61 19.43
N ALA A 211 -6.07 9.59 18.59
CA ALA A 211 -4.80 8.86 18.55
C ALA A 211 -4.47 8.52 17.10
N ILE A 212 -3.24 8.07 16.89
CA ILE A 212 -2.72 7.71 15.57
C ILE A 212 -2.16 6.30 15.67
N GLY A 213 -2.29 5.51 14.60
CA GLY A 213 -1.62 4.24 14.51
C GLY A 213 -1.09 3.96 13.13
N PHE A 214 -0.14 3.05 13.08
CA PHE A 214 0.48 2.61 11.84
C PHE A 214 0.63 1.10 11.84
N LYS A 215 0.48 0.53 10.65
CA LYS A 215 1.07 -0.77 10.34
C LYS A 215 2.58 -0.74 10.55
N GLY A 216 3.12 -1.77 11.19
CA GLY A 216 4.57 -1.84 11.38
C GLY A 216 4.97 -2.42 12.73
N CYS A 217 6.27 -2.58 12.93
CA CYS A 217 6.82 -3.09 14.19
C CYS A 217 7.93 -2.17 14.65
N ARG A 218 8.32 -2.30 15.93
CA ARG A 218 9.34 -1.42 16.48
C ARG A 218 10.65 -1.54 15.70
N GLU A 219 10.99 -2.75 15.25
CA GLU A 219 12.32 -2.97 14.69
C GLU A 219 12.55 -2.19 13.40
N ILE A 220 11.50 -1.90 12.64
CA ILE A 220 11.61 -1.18 11.38
C ILE A 220 10.97 0.19 11.46
N GLU A 221 9.72 0.27 11.92
CA GLU A 221 8.97 1.51 11.96
C GLU A 221 9.20 2.34 13.22
N GLY A 222 9.74 1.74 14.27
CA GLY A 222 9.93 2.36 15.55
C GLY A 222 10.49 3.77 15.56
N PRO A 223 11.60 4.02 14.84
CA PRO A 223 12.16 5.38 14.85
C PRO A 223 11.22 6.44 14.32
N TYR A 224 10.40 6.12 13.31
CA TYR A 224 9.47 7.09 12.74
C TYR A 224 8.26 7.30 13.65
N VAL A 225 7.79 6.24 14.32
CA VAL A 225 6.69 6.39 15.27
C VAL A 225 7.13 7.25 16.45
N ASP A 226 8.37 7.06 16.92
CA ASP A 226 8.90 7.91 17.98
C ASP A 226 8.94 9.37 17.55
N TYR A 227 9.48 9.63 16.36
CA TYR A 227 9.56 11.01 15.84
C TYR A 227 8.17 11.64 15.77
N LEU A 228 7.18 10.90 15.27
CA LEU A 228 5.84 11.46 15.13
C LEU A 228 5.17 11.68 16.48
N GLN A 229 5.44 10.82 17.46
CA GLN A 229 4.83 11.04 18.77
C GLN A 229 5.40 12.29 19.43
N GLU A 230 6.70 12.53 19.23
CA GLU A 230 7.32 13.76 19.71
C GLU A 230 6.70 14.98 19.05
N GLN A 231 6.47 14.90 17.73
CA GLN A 231 5.98 16.05 16.97
C GLN A 231 4.53 16.38 17.30
N PHE A 232 3.65 15.38 17.35
CA PHE A 232 2.22 15.62 17.45
C PHE A 232 1.67 15.50 18.87
N GLY A 233 2.47 15.05 19.83
CA GLY A 233 2.05 15.07 21.21
C GLY A 233 0.88 14.20 21.57
N LYS A 234 0.60 13.16 20.78
CA LYS A 234 -0.48 12.26 21.12
C LYS A 234 0.00 10.82 20.91
N PRO A 235 -0.75 9.81 21.34
CA PRO A 235 -0.29 8.42 21.13
C PRO A 235 -0.16 8.10 19.66
N VAL A 236 0.95 7.48 19.29
CA VAL A 236 1.19 6.96 17.95
C VAL A 236 1.49 5.48 18.12
N LEU A 237 0.53 4.63 17.80
CA LEU A 237 0.61 3.19 18.06
C LEU A 237 1.10 2.42 16.82
N LEU A 238 1.56 1.20 17.07
CA LEU A 238 1.95 0.24 16.05
C LEU A 238 1.07 -0.99 16.18
N SER A 239 0.48 -1.42 15.07
CA SER A 239 -0.39 -2.60 15.13
C SER A 239 0.35 -3.92 14.98
N GLY A 240 1.64 -3.89 14.67
CA GLY A 240 2.31 -5.06 14.14
C GLY A 240 2.32 -4.98 12.62
N PRO A 241 3.09 -5.85 11.96
CA PRO A 241 3.33 -5.71 10.52
C PRO A 241 2.17 -6.13 9.63
N VAL A 242 1.04 -6.53 10.21
CA VAL A 242 -0.16 -6.96 9.50
C VAL A 242 0.20 -8.03 8.45
N LEU A 243 0.69 -9.16 8.93
CA LEU A 243 1.01 -10.27 8.07
C LEU A 243 -0.26 -10.73 7.36
N PRO A 244 -0.21 -10.97 6.06
CA PRO A 244 -1.44 -11.33 5.33
C PRO A 244 -2.05 -12.60 5.90
N GLU A 245 -3.37 -12.58 6.04
CA GLU A 245 -4.14 -13.74 6.44
C GLU A 245 -4.50 -14.57 5.21
N GLN A 246 -4.84 -15.83 5.47
CA GLN A 246 -5.17 -16.79 4.41
C GLN A 246 -6.61 -16.57 3.93
N SER A 247 -6.80 -16.58 2.61
CA SER A 247 -8.13 -16.42 2.04
C SER A 247 -8.90 -17.74 2.10
N LYS A 248 -10.23 -17.62 2.05
CA LYS A 248 -11.09 -18.80 1.94
C LYS A 248 -11.19 -19.31 0.50
N THR A 249 -10.45 -18.72 -0.42
CA THR A 249 -10.51 -19.02 -1.85
C THR A 249 -9.15 -19.55 -2.26
N ALA A 250 -9.08 -20.79 -2.71
CA ALA A 250 -7.79 -21.34 -3.14
C ALA A 250 -7.33 -20.71 -4.45
N LEU A 251 -6.04 -20.90 -4.77
CA LEU A 251 -5.47 -20.33 -5.99
C LEU A 251 -6.16 -20.86 -7.23
N ASP A 252 -6.61 -19.93 -8.08
CA ASP A 252 -7.21 -20.22 -9.39
C ASP A 252 -6.44 -21.32 -10.11
N GLU A 253 -7.14 -22.42 -10.44
CA GLU A 253 -6.48 -23.57 -11.04
C GLU A 253 -5.79 -23.22 -12.35
N LYS A 254 -6.24 -22.18 -13.03
CA LYS A 254 -5.63 -21.79 -14.29
C LYS A 254 -4.21 -21.23 -14.05
N TRP A 255 -4.05 -20.40 -13.01
CA TRP A 255 -2.70 -19.93 -12.68
C TRP A 255 -1.88 -21.03 -12.03
N GLY A 256 -2.51 -21.84 -11.16
CA GLY A 256 -1.79 -22.90 -10.48
C GLY A 256 -1.14 -23.88 -11.44
N SER A 257 -1.88 -24.28 -12.49
CA SER A 257 -1.34 -25.24 -13.46
C SER A 257 -0.23 -24.63 -14.30
N TRP A 258 -0.41 -23.38 -14.75
CA TRP A 258 0.60 -22.74 -15.59
C TRP A 258 1.87 -22.45 -14.79
N LEU A 259 1.73 -21.90 -13.58
CA LEU A 259 2.89 -21.69 -12.72
C LEU A 259 3.63 -22.98 -12.45
N GLY A 260 2.88 -24.08 -12.27
CA GLY A 260 3.48 -25.36 -11.93
C GLY A 260 4.35 -25.97 -13.01
N GLY A 261 4.24 -25.46 -14.25
CA GLY A 261 5.11 -25.97 -15.30
C GLY A 261 6.55 -25.49 -15.24
N PHE A 262 6.85 -24.52 -14.38
CA PHE A 262 8.18 -23.92 -14.37
C PHE A 262 9.03 -24.47 -13.23
N LYS A 263 10.34 -24.52 -13.48
CA LYS A 263 11.32 -24.85 -12.47
C LYS A 263 11.19 -23.94 -11.25
N ASP A 264 11.42 -24.51 -10.06
CA ASP A 264 11.33 -23.75 -8.82
C ASP A 264 12.23 -22.52 -8.87
N GLY A 265 11.68 -21.38 -8.45
CA GLY A 265 12.44 -20.15 -8.34
C GLY A 265 12.88 -19.51 -9.64
N SER A 266 12.31 -19.91 -10.77
CA SER A 266 12.77 -19.47 -12.07
C SER A 266 11.97 -18.31 -12.68
N LEU A 267 10.78 -18.02 -12.16
CA LEU A 267 9.83 -17.11 -12.81
C LEU A 267 9.88 -15.70 -12.20
N VAL A 268 9.74 -14.69 -13.06
CA VAL A 268 9.71 -13.30 -12.63
C VAL A 268 8.25 -12.84 -12.58
N TYR A 269 7.79 -12.45 -11.40
CA TYR A 269 6.44 -11.90 -11.23
C TYR A 269 6.55 -10.38 -11.15
N CYS A 270 5.78 -9.69 -11.99
CA CYS A 270 5.80 -8.24 -12.01
C CYS A 270 4.37 -7.72 -11.87
N ALA A 271 4.15 -6.85 -10.89
CA ALA A 271 2.81 -6.28 -10.71
C ALA A 271 2.94 -4.90 -10.08
N LEU A 272 2.11 -3.98 -10.56
CA LEU A 272 2.18 -2.59 -10.10
C LEU A 272 0.88 -2.18 -9.42
N GLY A 273 0.28 -3.09 -8.65
CA GLY A 273 -0.86 -2.73 -7.83
C GLY A 273 -2.16 -2.66 -8.61
N SER A 274 -3.18 -2.11 -7.95
CA SER A 274 -4.57 -2.19 -8.41
C SER A 274 -5.06 -0.94 -9.14
N GLU A 275 -4.24 0.10 -9.28
CA GLU A 275 -4.76 1.40 -9.69
C GLU A 275 -4.17 1.93 -10.99
N LEU A 276 -2.86 1.79 -11.21
CA LEU A 276 -2.15 2.67 -12.13
C LEU A 276 -1.97 2.03 -13.51
N LYS A 277 -1.80 2.92 -14.50
CA LYS A 277 -1.57 2.56 -15.89
C LYS A 277 -0.26 3.23 -16.35
N LEU A 278 0.66 2.45 -16.91
CA LEU A 278 1.90 3.01 -17.43
C LEU A 278 1.67 3.79 -18.73
N LYS A 279 2.55 4.75 -19.00
CA LYS A 279 2.60 5.30 -20.36
C LYS A 279 3.18 4.27 -21.30
N GLN A 280 2.80 4.36 -22.59
CA GLN A 280 3.09 3.24 -23.49
C GLN A 280 4.59 3.00 -23.64
N ASP A 281 5.39 4.09 -23.66
CA ASP A 281 6.83 3.91 -23.79
C ASP A 281 7.39 3.08 -22.64
N GLN A 282 6.95 3.35 -21.41
CA GLN A 282 7.48 2.65 -20.25
C GLN A 282 6.90 1.25 -20.12
N PHE A 283 5.66 1.07 -20.60
CA PHE A 283 5.09 -0.27 -20.76
C PHE A 283 5.96 -1.12 -21.68
N HIS A 284 6.35 -0.56 -22.83
CA HIS A 284 7.25 -1.29 -23.73
C HIS A 284 8.59 -1.57 -23.08
N GLU A 285 9.21 -0.55 -22.46
CA GLU A 285 10.54 -0.78 -21.87
C GLU A 285 10.50 -1.86 -20.80
N LEU A 286 9.45 -1.87 -19.99
CA LEU A 286 9.35 -2.88 -18.94
C LEU A 286 9.24 -4.28 -19.53
N LEU A 287 8.35 -4.47 -20.51
CA LEU A 287 8.15 -5.80 -21.09
C LEU A 287 9.37 -6.27 -21.88
N LEU A 288 9.98 -5.38 -22.67
CA LEU A 288 11.19 -5.74 -23.38
C LEU A 288 12.33 -6.07 -22.41
N GLY A 289 12.39 -5.37 -21.28
CA GLY A 289 13.39 -5.69 -20.28
C GLY A 289 13.20 -7.05 -19.63
N LEU A 290 11.96 -7.41 -19.30
CA LEU A 290 11.69 -8.76 -18.82
C LEU A 290 12.08 -9.80 -19.88
N GLU A 291 11.73 -9.53 -21.14
CA GLU A 291 12.08 -10.45 -22.23
C GLU A 291 13.59 -10.64 -22.33
N LEU A 292 14.35 -9.55 -22.18
CA LEU A 292 15.81 -9.61 -22.27
C LEU A 292 16.41 -10.61 -21.30
N THR A 293 15.79 -10.80 -20.12
CA THR A 293 16.39 -11.69 -19.14
C THR A 293 16.36 -13.14 -19.60
N GLY A 294 15.46 -13.50 -20.50
CA GLY A 294 15.27 -14.89 -20.85
C GLY A 294 14.61 -15.73 -19.78
N PHE A 295 14.18 -15.12 -18.68
CA PHE A 295 13.46 -15.92 -17.69
C PHE A 295 11.97 -15.96 -18.01
N PRO A 296 11.26 -17.01 -17.60
CA PRO A 296 9.79 -16.96 -17.67
C PRO A 296 9.25 -15.83 -16.80
N PHE A 297 8.11 -15.27 -17.20
CA PHE A 297 7.59 -14.15 -16.42
C PHE A 297 6.07 -14.05 -16.50
N LEU A 298 5.50 -13.45 -15.46
CA LEU A 298 4.08 -13.13 -15.40
C LEU A 298 3.96 -11.67 -15.03
N ALA A 299 3.44 -10.85 -15.95
CA ALA A 299 3.34 -9.42 -15.73
C ALA A 299 1.87 -9.05 -15.62
N ILE A 300 1.47 -8.55 -14.46
CA ILE A 300 0.10 -8.15 -14.20
C ILE A 300 0.06 -6.63 -14.34
N LEU A 301 -0.46 -6.16 -15.47
CA LEU A 301 -0.38 -4.76 -15.84
C LEU A 301 -1.67 -4.35 -16.52
N LYS A 302 -2.11 -3.13 -16.25
CA LYS A 302 -3.21 -2.56 -17.02
C LYS A 302 -2.68 -2.13 -18.38
N PRO A 303 -3.54 -2.03 -19.39
CA PRO A 303 -3.09 -1.49 -20.66
C PRO A 303 -2.60 -0.07 -20.48
N PRO A 304 -1.61 0.35 -21.25
CA PRO A 304 -1.03 1.68 -21.08
C PRO A 304 -2.04 2.78 -21.40
N VAL A 305 -1.66 3.98 -20.99
CA VAL A 305 -2.49 5.15 -21.23
C VAL A 305 -2.85 5.21 -22.71
N GLY A 306 -4.14 5.37 -23.00
CA GLY A 306 -4.60 5.49 -24.36
C GLY A 306 -4.99 4.19 -25.03
N PHE A 307 -4.74 3.05 -24.38
CA PHE A 307 -5.02 1.74 -24.93
C PHE A 307 -6.04 1.04 -24.06
N GLU A 308 -6.86 0.18 -24.68
CA GLU A 308 -7.88 -0.54 -23.94
C GLU A 308 -7.61 -2.03 -23.81
N THR A 309 -6.68 -2.59 -24.56
CA THR A 309 -6.33 -3.99 -24.43
C THR A 309 -4.82 -4.15 -24.37
N ILE A 310 -4.38 -5.23 -23.73
CA ILE A 310 -2.95 -5.55 -23.69
C ILE A 310 -2.43 -5.84 -25.09
N GLU A 311 -3.17 -6.67 -25.83
CA GLU A 311 -2.71 -7.12 -27.14
C GLU A 311 -2.39 -5.95 -28.07
N ASP A 312 -3.24 -4.92 -28.08
CA ASP A 312 -2.98 -3.76 -28.94
C ASP A 312 -1.70 -3.01 -28.56
N ALA A 313 -1.25 -3.10 -27.31
CA ALA A 313 -0.17 -2.27 -26.82
C ALA A 313 1.17 -2.98 -26.77
N LEU A 314 1.21 -4.29 -27.01
CA LEU A 314 2.46 -5.04 -26.89
C LEU A 314 3.46 -4.61 -27.97
N PRO A 315 4.76 -4.61 -27.67
CA PRO A 315 5.74 -4.28 -28.71
C PRO A 315 5.63 -5.28 -29.86
N GLU A 316 6.05 -4.84 -31.05
CA GLU A 316 5.81 -5.62 -32.26
C GLU A 316 6.57 -6.93 -32.19
N GLY A 317 5.91 -8.03 -32.54
CA GLY A 317 6.50 -9.35 -32.47
C GLY A 317 6.62 -9.94 -31.08
N PHE A 318 6.15 -9.24 -30.05
CA PHE A 318 6.43 -9.64 -28.67
C PHE A 318 5.85 -11.02 -28.34
N LYS A 319 4.54 -11.18 -28.54
CA LYS A 319 3.89 -12.44 -28.21
C LYS A 319 4.49 -13.60 -29.00
N GLU A 320 4.92 -13.33 -30.24
CA GLU A 320 5.49 -14.40 -31.08
C GLU A 320 6.84 -14.85 -30.55
N ARG A 321 7.68 -13.90 -30.12
CA ARG A 321 8.97 -14.25 -29.54
C ARG A 321 8.80 -14.96 -28.20
N VAL A 322 7.95 -14.40 -27.34
CA VAL A 322 7.91 -14.87 -25.96
C VAL A 322 7.25 -16.25 -25.88
N LYS A 323 6.25 -16.50 -26.71
CA LYS A 323 5.62 -17.82 -26.82
C LYS A 323 5.01 -18.17 -25.47
N GLU A 324 5.33 -19.32 -24.88
CA GLU A 324 4.71 -19.77 -23.64
C GLU A 324 5.52 -19.40 -22.40
N LYS A 325 6.67 -18.72 -22.55
CA LYS A 325 7.50 -18.40 -21.40
C LYS A 325 6.99 -17.19 -20.64
N GLY A 326 6.16 -16.35 -21.26
CA GLY A 326 5.69 -15.16 -20.58
C GLY A 326 4.25 -14.77 -20.85
N ILE A 327 3.58 -14.25 -19.84
CA ILE A 327 2.21 -13.80 -19.96
C ILE A 327 2.12 -12.38 -19.44
N VAL A 328 1.39 -11.54 -20.18
CA VAL A 328 1.00 -10.20 -19.76
C VAL A 328 -0.51 -10.19 -19.62
N HIS A 329 -1.01 -9.89 -18.42
CA HIS A 329 -2.40 -10.12 -18.06
C HIS A 329 -2.93 -8.88 -17.36
N SER A 330 -4.14 -8.43 -17.73
CA SER A 330 -4.66 -7.20 -17.16
C SER A 330 -5.60 -7.35 -15.95
N GLY A 331 -6.12 -8.52 -15.66
CA GLY A 331 -7.14 -8.63 -14.63
C GLY A 331 -6.60 -8.70 -13.19
N TRP A 332 -7.53 -8.62 -12.23
CA TRP A 332 -7.21 -8.83 -10.82
C TRP A 332 -6.84 -10.28 -10.58
N ILE A 333 -5.74 -10.55 -9.88
CA ILE A 333 -5.38 -11.93 -9.59
C ILE A 333 -5.13 -12.08 -8.09
N GLN A 334 -4.89 -13.32 -7.65
CA GLN A 334 -4.63 -13.59 -6.23
C GLN A 334 -3.13 -13.43 -5.96
N GLN A 335 -2.69 -12.17 -5.84
CA GLN A 335 -1.25 -11.88 -5.77
C GLN A 335 -0.59 -12.59 -4.59
N GLN A 336 -1.22 -12.55 -3.42
CA GLN A 336 -0.58 -13.14 -2.26
C GLN A 336 -0.34 -14.63 -2.48
N LEU A 337 -1.29 -15.32 -3.11
CA LEU A 337 -1.10 -16.74 -3.41
C LEU A 337 -0.07 -16.96 -4.49
N ILE A 338 0.03 -16.06 -5.47
CA ILE A 338 1.05 -16.23 -6.50
C ILE A 338 2.44 -16.05 -5.89
N LEU A 339 2.63 -15.04 -5.05
CA LEU A 339 3.95 -14.84 -4.44
C LEU A 339 4.39 -16.01 -3.57
N GLU A 340 3.46 -16.79 -3.00
CA GLU A 340 3.84 -17.99 -2.27
C GLU A 340 4.14 -19.19 -3.16
N HIS A 341 3.87 -19.12 -4.46
CA HIS A 341 4.11 -20.29 -5.30
C HIS A 341 5.61 -20.50 -5.51
N PRO A 342 6.09 -21.75 -5.44
CA PRO A 342 7.56 -21.98 -5.47
C PRO A 342 8.22 -21.60 -6.80
N SER A 343 7.44 -21.42 -7.87
CA SER A 343 8.03 -21.09 -9.15
C SER A 343 8.59 -19.66 -9.16
N VAL A 344 8.11 -18.80 -8.26
CA VAL A 344 8.42 -17.37 -8.31
C VAL A 344 9.78 -17.14 -7.68
N GLY A 345 10.73 -16.61 -8.47
CA GLY A 345 12.06 -16.31 -7.98
C GLY A 345 12.34 -14.83 -7.79
N CYS A 346 11.53 -13.98 -8.42
CA CYS A 346 11.75 -12.55 -8.45
C CYS A 346 10.40 -11.84 -8.47
N PHE A 347 10.28 -10.76 -7.70
CA PHE A 347 9.08 -9.91 -7.64
C PHE A 347 9.51 -8.50 -8.06
N VAL A 348 9.06 -8.05 -9.23
CA VAL A 348 9.22 -6.65 -9.63
C VAL A 348 8.01 -5.89 -9.13
N THR A 349 8.21 -4.95 -8.20
CA THR A 349 7.10 -4.36 -7.46
C THR A 349 7.08 -2.84 -7.58
N HIS A 350 5.88 -2.28 -7.58
CA HIS A 350 5.74 -0.82 -7.52
C HIS A 350 5.96 -0.26 -6.11
N CYS A 351 6.25 -1.13 -5.12
CA CYS A 351 6.62 -0.76 -3.75
C CYS A 351 5.45 -0.21 -2.95
N GLY A 352 4.23 -0.54 -3.34
CA GLY A 352 3.11 -0.35 -2.44
C GLY A 352 3.33 -1.06 -1.12
N ALA A 353 2.78 -0.48 -0.05
CA ALA A 353 3.06 -1.00 1.29
C ALA A 353 2.55 -2.42 1.47
N GLY A 354 1.41 -2.75 0.86
CA GLY A 354 0.89 -4.10 0.97
C GLY A 354 1.71 -5.09 0.19
N SER A 355 2.10 -4.72 -1.03
CA SER A 355 2.92 -5.60 -1.86
C SER A 355 4.29 -5.83 -1.24
N ILE A 356 4.85 -4.79 -0.59
CA ILE A 356 6.15 -4.95 0.10
C ILE A 356 6.04 -6.00 1.20
N THR A 357 5.00 -5.91 2.04
CA THR A 357 4.85 -6.92 3.08
C THR A 357 4.73 -8.33 2.48
N GLU A 358 3.92 -8.46 1.41
CA GLU A 358 3.75 -9.77 0.77
C GLU A 358 5.06 -10.29 0.21
N GLY A 359 5.90 -9.40 -0.32
CA GLY A 359 7.20 -9.83 -0.81
C GLY A 359 8.14 -10.22 0.32
N LEU A 360 8.14 -9.43 1.40
CA LEU A 360 9.11 -9.67 2.47
C LEU A 360 8.85 -10.99 3.18
N VAL A 361 7.59 -11.41 3.27
CA VAL A 361 7.32 -12.66 3.99
C VAL A 361 7.49 -13.87 3.10
N ASN A 362 7.87 -13.69 1.85
CA ASN A 362 8.12 -14.81 0.94
C ASN A 362 9.60 -14.86 0.54
N ASN A 363 9.91 -15.79 -0.36
CA ASN A 363 11.30 -16.09 -0.68
C ASN A 363 11.82 -15.33 -1.92
N CYS A 364 10.94 -14.64 -2.65
CA CYS A 364 11.33 -14.02 -3.92
C CYS A 364 12.35 -12.90 -3.73
N GLN A 365 13.29 -12.80 -4.67
CA GLN A 365 14.17 -11.63 -4.72
C GLN A 365 13.36 -10.42 -5.14
N MET A 366 13.64 -9.28 -4.52
CA MET A 366 12.84 -8.07 -4.71
C MET A 366 13.56 -7.12 -5.68
N VAL A 367 12.86 -6.73 -6.75
CA VAL A 367 13.29 -5.67 -7.66
C VAL A 367 12.35 -4.50 -7.47
N LEU A 368 12.90 -3.33 -7.15
CA LEU A 368 12.09 -2.19 -6.74
C LEU A 368 11.89 -1.26 -7.94
N LEU A 369 10.63 -1.09 -8.33
CA LEU A 369 10.25 -0.24 -9.45
C LEU A 369 9.18 0.75 -8.99
N PRO A 370 9.52 1.63 -8.04
CA PRO A 370 8.51 2.49 -7.45
C PRO A 370 7.89 3.40 -8.48
N GLN A 371 6.57 3.54 -8.39
CA GLN A 371 5.87 4.50 -9.22
C GLN A 371 5.77 5.82 -8.46
N LEU A 372 5.18 6.82 -9.11
CA LEU A 372 5.32 8.20 -8.65
C LEU A 372 4.26 8.49 -7.59
N ASN A 373 4.57 8.09 -6.38
CA ASN A 373 3.71 8.28 -5.22
C ASN A 373 4.65 8.31 -4.01
N GLY A 374 4.38 9.22 -3.06
CA GLY A 374 5.27 9.40 -1.93
C GLY A 374 5.57 8.12 -1.17
N ASP A 375 4.55 7.30 -0.91
CA ASP A 375 4.84 6.10 -0.13
C ASP A 375 5.67 5.11 -0.95
N TYR A 376 5.35 4.95 -2.24
CA TYR A 376 6.16 4.04 -3.06
C TYR A 376 7.62 4.47 -3.06
N ILE A 377 7.88 5.77 -3.25
CA ILE A 377 9.24 6.27 -3.35
C ILE A 377 9.99 6.05 -2.04
N ILE A 378 9.34 6.37 -0.93
CA ILE A 378 10.02 6.23 0.36
C ILE A 378 10.17 4.75 0.74
N ASN A 379 9.15 3.92 0.45
CA ASN A 379 9.32 2.48 0.63
C ASN A 379 10.53 1.98 -0.13
N ALA A 380 10.67 2.40 -1.39
CA ALA A 380 11.78 1.92 -2.22
C ALA A 380 13.12 2.32 -1.64
N ARG A 381 13.25 3.55 -1.14
CA ARG A 381 14.53 3.96 -0.54
C ARG A 381 14.84 3.14 0.70
N ILE A 382 13.86 2.95 1.57
CA ILE A 382 14.08 2.17 2.78
C ILE A 382 14.46 0.73 2.45
N MET A 383 13.76 0.11 1.49
CA MET A 383 14.08 -1.27 1.15
C MET A 383 15.41 -1.36 0.43
N GLY A 384 15.74 -0.38 -0.41
CA GLY A 384 16.91 -0.47 -1.23
C GLY A 384 18.16 -0.05 -0.48
N ARG A 385 18.02 0.96 0.38
CA ARG A 385 19.18 1.62 0.98
C ARG A 385 19.34 1.36 2.46
N HIS A 386 18.26 1.15 3.21
CA HIS A 386 18.35 0.86 4.64
C HIS A 386 18.28 -0.63 4.95
N LEU A 387 17.19 -1.30 4.59
CA LEU A 387 17.13 -2.73 4.81
C LEU A 387 17.97 -3.49 3.80
N LYS A 388 18.19 -2.89 2.62
CA LYS A 388 18.95 -3.48 1.51
C LYS A 388 18.46 -4.89 1.21
N VAL A 389 17.14 -5.00 1.01
CA VAL A 389 16.51 -6.28 0.69
C VAL A 389 16.11 -6.37 -0.77
N GLY A 390 16.35 -5.31 -1.55
CA GLY A 390 16.02 -5.37 -2.97
C GLY A 390 16.92 -4.43 -3.75
N VAL A 391 16.86 -4.57 -5.07
CA VAL A 391 17.64 -3.76 -6.01
C VAL A 391 16.68 -2.82 -6.73
N GLU A 392 16.99 -1.51 -6.74
CA GLU A 392 16.10 -0.55 -7.39
C GLU A 392 16.51 -0.34 -8.85
N VAL A 393 15.51 -0.27 -9.73
CA VAL A 393 15.73 0.01 -11.15
C VAL A 393 16.08 1.48 -11.29
N LYS A 394 17.20 1.76 -11.94
CA LYS A 394 17.67 3.13 -12.15
C LYS A 394 16.65 3.91 -12.99
N LYS A 395 16.30 5.13 -12.55
CA LYS A 395 15.46 6.08 -13.28
C LYS A 395 16.24 7.34 -13.62
N GLY A 396 15.83 8.03 -14.70
CA GLY A 396 16.39 9.33 -15.01
C GLY A 396 16.21 10.34 -13.88
N GLU A 397 17.27 11.09 -13.54
CA GLU A 397 17.20 12.01 -12.41
C GLU A 397 16.07 13.03 -12.58
N GLU A 398 15.94 13.60 -13.77
CA GLU A 398 14.92 14.61 -14.05
C GLU A 398 13.66 14.04 -14.68
N ASP A 399 13.75 12.99 -15.53
CA ASP A 399 12.56 12.57 -16.27
C ASP A 399 11.82 11.41 -15.62
N GLY A 400 12.43 10.73 -14.65
CA GLY A 400 11.76 9.64 -13.95
C GLY A 400 11.45 8.42 -14.79
N LEU A 401 12.12 8.26 -15.93
CA LEU A 401 11.89 7.14 -16.84
C LEU A 401 13.02 6.13 -16.73
N PHE A 402 12.72 4.87 -17.05
CA PHE A 402 13.72 3.80 -17.02
C PHE A 402 13.86 3.24 -18.42
N THR A 403 15.01 2.61 -18.67
CA THR A 403 15.28 1.88 -19.90
C THR A 403 15.03 0.40 -19.69
N LYS A 404 14.80 -0.29 -20.80
CA LYS A 404 14.68 -1.74 -20.77
C LYS A 404 15.97 -2.38 -20.26
N GLU A 405 17.14 -1.78 -20.55
CA GLU A 405 18.39 -2.33 -20.03
C GLU A 405 18.48 -2.22 -18.51
N SER A 406 17.90 -1.17 -17.91
CA SER A 406 17.96 -1.08 -16.45
C SER A 406 17.05 -2.09 -15.77
N VAL A 407 15.90 -2.40 -16.37
CA VAL A 407 15.04 -3.45 -15.87
C VAL A 407 15.75 -4.79 -15.95
N TYR A 408 16.30 -5.08 -17.12
CA TYR A 408 17.05 -6.31 -17.38
C TYR A 408 18.18 -6.49 -16.37
N GLU A 409 18.94 -5.43 -16.12
CA GLU A 409 20.11 -5.50 -15.26
C GLU A 409 19.70 -5.80 -13.81
N ALA A 410 18.62 -5.17 -13.33
CA ALA A 410 18.21 -5.39 -11.95
C ALA A 410 17.73 -6.82 -11.73
N VAL A 411 16.98 -7.36 -12.69
CA VAL A 411 16.50 -8.73 -12.56
C VAL A 411 17.67 -9.70 -12.67
N LYS A 412 18.54 -9.50 -13.65
CA LYS A 412 19.72 -10.35 -13.79
C LYS A 412 20.55 -10.40 -12.51
N ILE A 413 20.77 -9.24 -11.89
CA ILE A 413 21.60 -9.17 -10.67
C ILE A 413 21.00 -10.05 -9.58
N VAL A 414 19.70 -9.92 -9.33
CA VAL A 414 19.13 -10.66 -8.20
C VAL A 414 18.90 -12.14 -8.52
N MET A 415 18.74 -12.50 -9.79
CA MET A 415 18.52 -13.89 -10.18
C MET A 415 19.82 -14.68 -10.32
N ASP A 416 20.96 -14.00 -10.44
CA ASP A 416 22.27 -14.63 -10.62
C ASP A 416 22.82 -15.09 -9.27
N ASP A 417 22.89 -16.42 -9.08
CA ASP A 417 23.33 -17.00 -7.81
C ASP A 417 24.76 -16.62 -7.46
N GLU A 418 25.58 -16.30 -8.45
CA GLU A 418 26.98 -15.97 -8.23
C GLU A 418 27.22 -14.46 -8.17
N ASN A 419 26.16 -13.65 -8.27
CA ASN A 419 26.27 -12.20 -8.17
C ASN A 419 26.27 -11.79 -6.71
N GLU A 420 27.31 -11.07 -6.26
CA GLU A 420 27.43 -10.84 -4.83
C GLU A 420 26.39 -9.82 -4.31
N ILE A 421 25.92 -8.91 -5.15
CA ILE A 421 24.81 -8.03 -4.75
C ILE A 421 23.54 -8.85 -4.60
N GLY A 422 23.27 -9.75 -5.55
CA GLY A 422 22.14 -10.65 -5.42
C GLY A 422 22.20 -11.49 -4.17
N ARG A 423 23.38 -12.04 -3.86
CA ARG A 423 23.46 -12.84 -2.65
C ARG A 423 23.25 -11.98 -1.41
N GLU A 424 23.72 -10.74 -1.46
CA GLU A 424 23.59 -9.87 -0.30
C GLU A 424 22.13 -9.50 -0.05
N VAL A 425 21.39 -9.12 -1.11
CA VAL A 425 19.98 -8.77 -0.87
C VAL A 425 19.19 -10.02 -0.45
N ARG A 426 19.55 -11.20 -0.96
CA ARG A 426 18.87 -12.42 -0.51
C ARG A 426 19.09 -12.64 0.98
N SER A 427 20.34 -12.51 1.43
CA SER A 427 20.65 -12.71 2.84
C SER A 427 19.95 -11.67 3.72
N ASN A 428 19.89 -10.41 3.27
CA ASN A 428 19.21 -9.38 4.06
C ASN A 428 17.71 -9.63 4.10
N HIS A 429 17.13 -10.04 2.97
CA HIS A 429 15.70 -10.38 2.92
C HIS A 429 15.40 -11.53 3.87
N THR A 430 16.30 -12.52 3.94
CA THR A 430 16.08 -13.62 4.87
C THR A 430 16.08 -13.13 6.32
N LYS A 431 16.99 -12.22 6.65
CA LYS A 431 17.00 -11.63 8.00
C LYS A 431 15.69 -10.91 8.32
N VAL A 432 15.17 -10.13 7.37
CA VAL A 432 13.93 -9.40 7.59
C VAL A 432 12.73 -10.36 7.66
N ARG A 433 12.68 -11.35 6.76
CA ARG A 433 11.61 -12.34 6.82
C ARG A 433 11.63 -13.07 8.15
N ASN A 434 12.81 -13.49 8.61
CA ASN A 434 12.89 -14.19 9.88
C ASN A 434 12.42 -13.30 11.02
N LEU A 435 12.64 -11.98 10.91
CA LEU A 435 12.14 -11.09 11.94
C LEU A 435 10.63 -10.96 11.88
N LEU A 436 10.09 -10.66 10.69
CA LEU A 436 8.65 -10.46 10.57
C LEU A 436 7.88 -11.71 10.99
N LEU A 437 8.41 -12.88 10.71
CA LEU A 437 7.72 -14.14 10.99
C LEU A 437 8.10 -14.74 12.34
N ARG A 438 8.94 -14.08 13.11
CA ARG A 438 9.35 -14.60 14.42
C ARG A 438 8.12 -14.95 15.24
N HIS A 439 8.19 -16.09 15.96
CA HIS A 439 6.98 -16.65 16.56
C HIS A 439 6.25 -15.66 17.48
N ASP A 440 6.97 -14.72 18.08
CA ASP A 440 6.37 -13.80 19.04
C ASP A 440 6.33 -12.34 18.58
N LEU A 441 6.70 -12.06 17.33
CA LEU A 441 6.79 -10.66 16.89
C LEU A 441 5.40 -10.06 16.67
N GLU A 442 4.60 -10.64 15.78
CA GLU A 442 3.28 -10.04 15.55
C GLU A 442 2.41 -10.15 16.80
N SER A 443 2.49 -11.27 17.52
CA SER A 443 1.61 -11.44 18.69
C SER A 443 1.97 -10.44 19.78
N SER A 444 3.25 -10.17 20.01
CA SER A 444 3.59 -9.18 21.04
C SER A 444 3.26 -7.76 20.58
N CYS A 445 3.36 -7.48 19.28
CA CYS A 445 2.91 -6.18 18.79
C CYS A 445 1.42 -5.98 19.06
N LEU A 446 0.62 -6.99 18.73
CA LEU A 446 -0.81 -6.87 18.96
C LEU A 446 -1.14 -6.83 20.45
N ASP A 447 -0.33 -7.49 21.28
CA ASP A 447 -0.54 -7.41 22.73
C ASP A 447 -0.45 -5.96 23.18
N THR A 448 0.63 -5.28 22.80
CA THR A 448 0.82 -3.88 23.16
C THR A 448 -0.27 -3.01 22.54
N PHE A 449 -0.53 -3.22 21.24
CA PHE A 449 -1.59 -2.49 20.54
C PHE A 449 -2.90 -2.50 21.31
N CYS A 450 -3.35 -3.69 21.68
CA CYS A 450 -4.65 -3.81 22.34
C CYS A 450 -4.64 -3.19 23.74
N GLU A 451 -3.52 -3.30 24.46
CA GLU A 451 -3.41 -2.60 25.75
C GLU A 451 -3.54 -1.09 25.58
N LYS A 452 -2.89 -0.53 24.55
CA LYS A 452 -2.98 0.91 24.31
C LYS A 452 -4.36 1.33 23.85
N LEU A 453 -5.05 0.49 23.07
CA LEU A 453 -6.43 0.80 22.70
C LEU A 453 -7.34 0.81 23.93
N GLN A 454 -7.15 -0.15 24.83
CA GLN A 454 -7.89 -0.15 26.09
C GLN A 454 -7.62 1.11 26.90
N GLU A 455 -6.35 1.51 27.02
CA GLU A 455 -6.03 2.81 27.61
C GLU A 455 -6.81 3.94 26.96
N LEU A 456 -6.90 3.91 25.63
CA LEU A 456 -7.53 5.01 24.91
C LEU A 456 -9.01 5.13 25.29
N VAL A 457 -9.70 4.01 25.47
CA VAL A 457 -11.12 4.04 25.79
C VAL A 457 -11.36 4.07 27.30
N SER A 458 -10.29 4.21 28.07
CA SER A 458 -10.45 4.34 29.52
C SER A 458 -10.36 5.79 29.96
#